data_6YVW
#
_entry.id   6YVW
#
_cell.length_a   110.175
_cell.length_b   110.175
_cell.length_c   39.791
_cell.angle_alpha   90.000
_cell.angle_beta   90.000
_cell.angle_gamma   120.000
#
_symmetry.space_group_name_H-M   'P 63'
#
loop_
_entity.id
_entity.type
_entity.pdbx_description
1 polymer 'Egl nine homolog 1'
2 non-polymer 'FE (III) ION'
3 non-polymer '4-[(5-bromanyl-4,6-dimethyl-pyridin-2-yl)amino]-4-oxidanylidene-butanoic acid'
4 non-polymer GLYCEROL
5 water water
#
_entity_poly.entity_id   1
_entity_poly.type   'polypeptide(L)'
_entity_poly.pdbx_seq_one_letter_code
;GSHMASPNGQTKPLPALKLALEYIVPCMNKHGICVVDDFLGKETGQQIGDEVRALHDTGKFTDGQLVSQKSDSSKDIRGD
KITWIEGKEPGCETIGLLMSSMDDLIRHCNGKLGSYKINGRTKAMVACYPGNGTGYVRHVDNPNGDGRCVTCIYYLNKDW
DAKVSGGILRIFPEGKAQFADIEPKFDRLLFFWSDRRNPHEVQPAYATRYAITVWYFDADERARAKVKYLTGEKGVRVEL
NKPSDSVGKDVF
;
_entity_poly.pdbx_strand_id   A
#
loop_
_chem_comp.id
_chem_comp.type
_chem_comp.name
_chem_comp.formula
FE non-polymer 'FE (III) ION' 'Fe 3'
GOL non-polymer GLYCEROL 'C3 H8 O3'
PW5 non-polymer '4-[(5-bromanyl-4,6-dimethyl-pyridin-2-yl)amino]-4-oxidanylidene-butanoic acid' 'C11 H13 Br N2 O3'
#
# COMPACT_ATOMS: atom_id res chain seq x y z
N LEU A 14 14.03 -13.80 -6.33
CA LEU A 14 13.66 -14.03 -7.72
C LEU A 14 13.84 -12.76 -8.55
N PRO A 15 14.05 -12.93 -9.86
CA PRO A 15 13.98 -11.78 -10.77
C PRO A 15 12.54 -11.33 -10.96
N ALA A 16 12.39 -10.02 -11.16
CA ALA A 16 11.06 -9.45 -11.34
C ALA A 16 10.25 -10.25 -12.34
N LEU A 17 10.87 -10.63 -13.46
CA LEU A 17 10.10 -11.25 -14.53
C LEU A 17 9.59 -12.64 -14.12
N LYS A 18 10.43 -13.46 -13.51
CA LYS A 18 9.98 -14.79 -13.14
C LYS A 18 8.87 -14.68 -12.11
N LEU A 19 9.08 -13.85 -11.10
CA LEU A 19 8.08 -13.72 -10.06
C LEU A 19 6.76 -13.20 -10.64
N ALA A 20 6.84 -12.24 -11.55
CA ALA A 20 5.64 -11.64 -12.10
C ALA A 20 4.89 -12.63 -12.98
N LEU A 21 5.61 -13.26 -13.92
CA LEU A 21 4.97 -14.20 -14.85
C LEU A 21 4.48 -15.47 -14.17
N GLU A 22 5.27 -16.06 -13.28
CA GLU A 22 4.93 -17.34 -12.71
C GLU A 22 4.12 -17.26 -11.44
N TYR A 23 4.07 -16.10 -10.76
CA TYR A 23 3.33 -16.09 -9.52
C TYR A 23 2.32 -14.94 -9.51
N ILE A 24 2.78 -13.70 -9.63
CA ILE A 24 1.93 -12.53 -9.41
C ILE A 24 0.76 -12.52 -10.40
N VAL A 25 1.02 -12.70 -11.69
CA VAL A 25 -0.08 -12.61 -12.67
C VAL A 25 -1.10 -13.73 -12.41
N PRO A 26 -0.71 -14.98 -12.38
CA PRO A 26 -1.74 -16.03 -12.23
C PRO A 26 -2.48 -15.89 -10.92
N CYS A 27 -1.79 -15.56 -9.83
CA CYS A 27 -2.41 -15.39 -8.52
C CYS A 27 -3.41 -14.21 -8.50
N MET A 28 -3.01 -13.06 -9.03
CA MET A 28 -3.93 -11.94 -9.05
C MET A 28 -5.19 -12.26 -9.86
N ASN A 29 -5.01 -12.90 -11.04
CA ASN A 29 -6.15 -13.20 -11.91
C ASN A 29 -7.07 -14.23 -11.28
N LYS A 30 -6.51 -15.21 -10.56
CA LYS A 30 -7.31 -16.21 -9.87
C LYS A 30 -7.98 -15.68 -8.61
N HIS A 31 -7.25 -14.92 -7.75
CA HIS A 31 -7.77 -14.52 -6.44
C HIS A 31 -7.92 -13.02 -6.24
N GLY A 32 -7.23 -12.18 -7.02
CA GLY A 32 -7.32 -10.74 -6.82
C GLY A 32 -6.56 -10.24 -5.61
N ILE A 33 -5.80 -11.14 -4.99
CA ILE A 33 -4.88 -10.85 -3.89
C ILE A 33 -3.62 -11.67 -4.09
N CYS A 34 -2.43 -11.11 -3.90
CA CYS A 34 -1.17 -11.86 -4.06
C CYS A 34 -0.15 -11.37 -3.05
N VAL A 35 0.48 -12.30 -2.36
CA VAL A 35 1.41 -12.06 -1.27
C VAL A 35 2.77 -12.59 -1.73
N VAL A 36 3.77 -11.74 -1.69
CA VAL A 36 5.12 -12.11 -2.04
C VAL A 36 6.00 -11.89 -0.83
N ASP A 37 6.56 -12.97 -0.29
CA ASP A 37 7.42 -12.91 0.91
C ASP A 37 8.88 -12.74 0.50
N ASP A 38 9.65 -12.05 1.32
CA ASP A 38 11.08 -11.76 1.15
C ASP A 38 11.37 -11.08 -0.19
N PHE A 39 10.75 -9.94 -0.38
CA PHE A 39 10.77 -9.36 -1.70
C PHE A 39 12.15 -8.79 -2.03
N LEU A 40 12.74 -8.07 -1.07
CA LEU A 40 14.02 -7.42 -1.30
C LEU A 40 15.16 -8.02 -0.49
N GLY A 41 14.87 -8.86 0.48
CA GLY A 41 15.87 -9.46 1.35
C GLY A 41 16.13 -8.57 2.54
N LYS A 42 16.83 -9.14 3.53
CA LYS A 42 16.97 -8.50 4.84
C LYS A 42 17.75 -7.19 4.77
N GLU A 43 18.86 -7.16 4.02
CA GLU A 43 19.72 -5.97 4.04
C GLU A 43 18.97 -4.76 3.50
N THR A 44 18.42 -4.87 2.29
CA THR A 44 17.65 -3.77 1.72
C THR A 44 16.40 -3.47 2.54
N GLY A 45 15.71 -4.52 3.02
CA GLY A 45 14.48 -4.31 3.79
C GLY A 45 14.76 -3.48 5.01
N GLN A 46 15.86 -3.80 5.70
CA GLN A 46 16.24 -3.11 6.91
C GLN A 46 16.67 -1.70 6.58
N GLN A 47 17.38 -1.50 5.45
CA GLN A 47 17.67 -0.13 4.99
C GLN A 47 16.39 0.69 4.79
N ILE A 48 15.36 0.06 4.22
CA ILE A 48 14.09 0.78 4.02
C ILE A 48 13.47 1.10 5.37
N GLY A 49 13.39 0.08 6.23
CA GLY A 49 12.97 0.31 7.59
C GLY A 49 13.70 1.47 8.24
N ASP A 50 15.03 1.53 8.09
CA ASP A 50 15.81 2.60 8.67
C ASP A 50 15.38 3.95 8.10
N GLU A 51 15.17 4.04 6.77
CA GLU A 51 14.76 5.33 6.20
C GLU A 51 13.38 5.72 6.71
N VAL A 52 12.45 4.79 6.70
CA VAL A 52 11.11 5.08 7.20
C VAL A 52 11.16 5.55 8.64
N ARG A 53 11.94 4.86 9.49
CA ARG A 53 12.04 5.30 10.89
C ARG A 53 12.72 6.67 11.00
N ALA A 54 13.71 6.93 10.16
CA ALA A 54 14.34 8.25 10.15
C ALA A 54 13.32 9.34 9.85
N LEU A 55 12.53 9.17 8.78
CA LEU A 55 11.41 10.08 8.49
C LEU A 55 10.51 10.27 9.72
N HIS A 56 10.13 9.17 10.36
CA HIS A 56 9.30 9.27 11.54
C HIS A 56 9.98 10.12 12.59
N ASP A 57 11.26 9.80 12.89
CA ASP A 57 11.95 10.40 14.03
C ASP A 57 12.27 11.85 13.76
N THR A 58 12.38 12.25 12.50
CA THR A 58 12.57 13.65 12.15
C THR A 58 11.25 14.40 11.91
N GLY A 59 10.10 13.78 12.15
CA GLY A 59 8.84 14.49 12.12
C GLY A 59 8.28 14.73 10.74
N LYS A 60 8.61 13.87 9.77
CA LYS A 60 8.07 14.06 8.43
C LYS A 60 6.66 13.52 8.27
N PHE A 61 6.15 12.74 9.23
CA PHE A 61 4.80 12.23 9.15
C PHE A 61 3.79 13.24 9.68
N THR A 62 2.53 13.08 9.26
CA THR A 62 1.42 13.77 9.90
C THR A 62 1.21 13.26 11.33
N ASP A 63 0.33 13.95 12.07
CA ASP A 63 0.08 13.60 13.46
C ASP A 63 -0.83 12.39 13.55
N GLY A 64 -1.50 12.06 12.45
CA GLY A 64 -2.31 10.88 12.37
C GLY A 64 -3.80 11.18 12.26
N GLN A 65 -4.53 10.26 11.67
CA GLN A 65 -5.96 10.43 11.48
C GLN A 65 -6.69 10.71 12.82
N LEU A 66 -7.51 11.74 12.81
CA LEU A 66 -8.31 12.00 14.01
C LEU A 66 -9.36 10.90 14.20
N VAL A 67 -9.24 10.12 15.28
CA VAL A 67 -10.06 8.92 15.46
C VAL A 67 -11.20 9.30 16.39
N SER A 68 -10.85 9.81 17.56
CA SER A 68 -11.82 10.24 18.55
C SER A 68 -11.58 11.73 18.79
N GLN A 69 -12.61 12.55 18.54
CA GLN A 69 -12.58 13.98 18.83
C GLN A 69 -13.33 14.21 20.13
N LYS A 70 -12.58 14.36 21.22
CA LYS A 70 -13.16 14.63 22.52
C LYS A 70 -13.56 16.11 22.63
N SER A 71 -14.37 16.42 23.65
CA SER A 71 -14.68 17.82 23.95
C SER A 71 -13.40 18.63 24.16
N ASP A 72 -12.51 18.15 25.04
CA ASP A 72 -11.13 18.60 25.13
C ASP A 72 -10.32 18.02 23.97
N SER A 73 -9.19 18.69 23.66
CA SER A 73 -8.34 18.33 22.53
C SER A 73 -6.97 17.82 22.94
N SER A 74 -6.56 18.00 24.20
CA SER A 74 -5.29 17.45 24.64
C SER A 74 -5.35 15.93 24.70
N LYS A 75 -6.53 15.37 24.95
CA LYS A 75 -6.77 13.93 25.02
C LYS A 75 -7.28 13.35 23.72
N ASP A 76 -7.17 14.11 22.62
CA ASP A 76 -7.54 13.59 21.31
C ASP A 76 -6.71 12.37 20.95
N ILE A 77 -7.35 11.40 20.30
CA ILE A 77 -6.71 10.16 19.88
C ILE A 77 -6.53 10.16 18.37
N ARG A 78 -5.32 9.89 17.93
CA ARG A 78 -4.97 9.93 16.53
C ARG A 78 -4.38 8.58 16.09
N GLY A 79 -4.72 8.20 14.85
CA GLY A 79 -4.37 6.91 14.32
C GLY A 79 -3.26 6.99 13.31
N ASP A 80 -3.55 6.45 12.12
CA ASP A 80 -2.49 6.27 11.13
C ASP A 80 -1.93 7.62 10.73
N LYS A 81 -0.58 7.77 10.72
CA LYS A 81 0.20 8.92 10.26
C LYS A 81 0.65 8.63 8.84
N ILE A 82 0.73 9.69 8.05
CA ILE A 82 0.97 9.64 6.62
C ILE A 82 2.18 10.51 6.32
N THR A 83 2.92 10.06 5.31
CA THR A 83 3.78 10.95 4.57
C THR A 83 3.83 10.48 3.10
N TRP A 84 3.84 11.42 2.16
CA TRP A 84 3.93 11.08 0.73
C TRP A 84 5.37 11.21 0.28
N ILE A 85 5.90 10.16 -0.38
CA ILE A 85 7.32 10.05 -0.74
C ILE A 85 7.41 9.86 -2.24
N GLU A 86 8.11 10.76 -2.92
CA GLU A 86 8.28 10.63 -4.34
C GLU A 86 9.37 9.63 -4.65
N GLY A 87 10.41 9.61 -3.83
CA GLY A 87 11.47 8.64 -3.94
C GLY A 87 12.84 9.22 -4.29
N LYS A 88 12.91 10.49 -4.62
CA LYS A 88 14.15 11.20 -4.89
C LYS A 88 14.54 12.07 -3.72
N GLU A 89 13.75 12.07 -2.64
CA GLU A 89 14.02 12.96 -1.52
C GLU A 89 15.31 12.52 -0.83
N PRO A 90 16.05 13.45 -0.23
CA PRO A 90 17.27 13.07 0.49
C PRO A 90 16.89 12.21 1.68
N GLY A 91 17.57 11.07 1.82
CA GLY A 91 17.24 10.12 2.86
C GLY A 91 16.15 9.13 2.49
N CYS A 92 15.59 9.20 1.30
CA CYS A 92 14.59 8.23 0.89
C CYS A 92 15.04 7.43 -0.31
N GLU A 93 16.34 7.25 -0.45
N GLU A 93 16.35 7.22 -0.47
CA GLU A 93 16.90 6.63 -1.66
CA GLU A 93 16.85 6.63 -1.69
C GLU A 93 16.49 5.16 -1.77
C GLU A 93 16.50 5.15 -1.79
N THR A 94 16.49 4.44 -0.67
CA THR A 94 16.11 3.04 -0.77
C THR A 94 14.60 2.90 -0.98
N ILE A 95 13.84 3.83 -0.40
CA ILE A 95 12.42 3.83 -0.70
C ILE A 95 12.24 4.00 -2.19
N GLY A 96 13.08 4.82 -2.82
CA GLY A 96 12.93 5.04 -4.24
C GLY A 96 13.32 3.77 -4.97
N LEU A 97 14.30 3.09 -4.43
CA LEU A 97 14.66 1.81 -5.00
C LEU A 97 13.50 0.83 -4.95
N LEU A 98 12.88 0.69 -3.77
CA LEU A 98 11.64 -0.08 -3.66
C LEU A 98 10.60 0.32 -4.69
N MET A 99 10.31 1.61 -4.79
CA MET A 99 9.27 1.99 -5.75
C MET A 99 9.65 1.55 -7.14
N SER A 100 10.91 1.74 -7.52
CA SER A 100 11.35 1.29 -8.84
C SER A 100 11.20 -0.22 -9.00
N SER A 101 11.39 -0.99 -7.92
CA SER A 101 11.30 -2.45 -8.01
C SER A 101 9.85 -2.90 -8.09
N MET A 102 8.96 -2.18 -7.41
CA MET A 102 7.54 -2.37 -7.65
C MET A 102 7.21 -2.08 -9.10
N ASP A 103 7.66 -0.92 -9.59
CA ASP A 103 7.36 -0.58 -10.97
C ASP A 103 7.89 -1.66 -11.91
N ASP A 104 9.12 -2.17 -11.70
CA ASP A 104 9.65 -3.21 -12.61
C ASP A 104 8.76 -4.45 -12.62
N LEU A 105 8.29 -4.83 -11.44
CA LEU A 105 7.40 -6.00 -11.31
C LEU A 105 6.12 -5.75 -12.09
N ILE A 106 5.50 -4.58 -11.97
CA ILE A 106 4.25 -4.31 -12.67
C ILE A 106 4.50 -4.25 -14.19
N ARG A 107 5.60 -3.63 -14.59
N ARG A 107 5.61 -3.62 -14.58
CA ARG A 107 5.91 -3.50 -16.00
CA ARG A 107 5.95 -3.47 -15.99
C ARG A 107 6.11 -4.86 -16.65
C ARG A 107 6.10 -4.84 -16.64
N HIS A 108 6.72 -5.79 -15.94
CA HIS A 108 6.84 -7.17 -16.42
C HIS A 108 5.56 -8.00 -16.29
N CYS A 109 4.51 -7.47 -15.68
CA CYS A 109 3.20 -8.09 -15.85
C CYS A 109 2.41 -7.53 -17.02
N ASN A 110 2.82 -6.39 -17.60
CA ASN A 110 1.91 -5.54 -18.37
C ASN A 110 1.08 -6.34 -19.37
N GLY A 111 -0.22 -6.03 -19.40
CA GLY A 111 -1.18 -6.67 -20.26
C GLY A 111 -1.81 -7.92 -19.68
N LYS A 112 -1.17 -8.54 -18.70
CA LYS A 112 -1.62 -9.83 -18.23
C LYS A 112 -2.44 -9.71 -16.95
N LEU A 113 -2.46 -8.54 -16.29
CA LEU A 113 -3.25 -8.34 -15.08
C LEU A 113 -4.63 -7.89 -15.50
N GLY A 114 -5.62 -8.79 -15.41
CA GLY A 114 -6.92 -8.45 -15.93
C GLY A 114 -6.80 -8.09 -17.40
N SER A 115 -7.62 -7.15 -17.85
CA SER A 115 -7.38 -6.56 -19.16
C SER A 115 -6.71 -5.20 -19.06
N TYR A 116 -6.28 -4.83 -17.87
CA TYR A 116 -5.76 -3.49 -17.62
C TYR A 116 -4.47 -3.19 -18.37
N LYS A 117 -4.30 -1.93 -18.76
N LYS A 117 -4.30 -1.94 -18.76
CA LYS A 117 -3.04 -1.46 -19.33
CA LYS A 117 -3.04 -1.46 -19.33
C LYS A 117 -2.52 -0.40 -18.36
C LYS A 117 -2.51 -0.41 -18.36
N ILE A 118 -1.58 -0.77 -17.49
CA ILE A 118 -1.12 0.14 -16.46
C ILE A 118 -0.12 1.15 -17.02
N ASN A 119 -0.42 2.43 -16.88
CA ASN A 119 0.45 3.43 -17.50
C ASN A 119 1.00 4.45 -16.50
N GLY A 120 0.77 4.25 -15.21
CA GLY A 120 1.23 5.26 -14.28
C GLY A 120 0.93 4.76 -12.90
N ARG A 121 1.39 5.53 -11.90
CA ARG A 121 1.09 5.24 -10.50
C ARG A 121 1.08 6.53 -9.67
N THR A 122 0.67 6.40 -8.42
CA THR A 122 0.84 7.49 -7.47
C THR A 122 2.26 7.50 -6.94
N LYS A 123 2.58 8.55 -6.18
CA LYS A 123 3.73 8.49 -5.30
C LYS A 123 3.49 7.45 -4.22
N ALA A 124 4.44 7.30 -3.30
CA ALA A 124 4.29 6.27 -2.28
C ALA A 124 3.62 6.94 -1.09
N MET A 125 2.58 6.31 -0.56
N MET A 125 2.54 6.34 -0.60
CA MET A 125 1.98 6.71 0.70
CA MET A 125 2.02 6.74 0.69
C MET A 125 2.59 5.84 1.80
C MET A 125 2.65 5.84 1.75
N VAL A 126 3.41 6.43 2.65
CA VAL A 126 4.02 5.69 3.73
C VAL A 126 3.13 5.93 4.92
N ALA A 127 2.67 4.87 5.54
CA ALA A 127 1.81 4.95 6.70
C ALA A 127 2.54 4.44 7.93
N CYS A 128 2.20 5.03 9.07
CA CYS A 128 2.73 4.58 10.37
C CYS A 128 1.54 4.53 11.31
N TYR A 129 1.16 3.32 11.78
CA TYR A 129 0.20 3.17 12.89
C TYR A 129 1.04 3.19 14.16
N PRO A 130 0.73 4.05 15.11
CA PRO A 130 1.65 4.35 16.20
C PRO A 130 1.68 3.30 17.28
N GLY A 131 0.77 2.35 17.27
CA GLY A 131 0.76 1.26 18.21
C GLY A 131 -0.08 1.55 19.40
N ASN A 132 -1.01 2.49 19.29
CA ASN A 132 -1.88 2.86 20.41
C ASN A 132 -3.27 2.24 20.28
N GLY A 133 -3.40 1.13 19.58
CA GLY A 133 -4.70 0.51 19.42
C GLY A 133 -5.53 1.00 18.25
N THR A 134 -5.08 1.97 17.54
CA THR A 134 -5.83 2.43 16.41
C THR A 134 -5.58 1.47 15.27
N GLY A 135 -6.56 1.38 14.38
CA GLY A 135 -6.50 0.64 13.13
C GLY A 135 -7.05 1.51 11.99
N TYR A 136 -7.81 0.89 11.07
CA TYR A 136 -8.36 1.63 9.93
C TYR A 136 -9.67 0.94 9.56
N VAL A 137 -10.74 1.73 9.38
CA VAL A 137 -12.09 1.16 9.21
C VAL A 137 -12.13 0.45 7.90
N ARG A 138 -13.09 -0.45 7.75
CA ARG A 138 -13.31 -1.11 6.47
C ARG A 138 -13.61 -0.10 5.35
N HIS A 139 -13.00 -0.28 4.20
CA HIS A 139 -13.24 0.67 3.13
C HIS A 139 -12.80 -0.01 1.83
N VAL A 140 -13.12 0.63 0.71
CA VAL A 140 -12.61 0.27 -0.62
C VAL A 140 -11.69 1.39 -1.07
N ASP A 141 -10.51 1.02 -1.61
CA ASP A 141 -9.56 2.04 -2.03
C ASP A 141 -10.12 2.87 -3.16
N ASN A 142 -10.69 2.27 -4.20
CA ASN A 142 -11.17 3.06 -5.34
C ASN A 142 -12.62 2.66 -5.53
N PRO A 143 -13.55 3.29 -4.85
CA PRO A 143 -14.95 2.94 -5.07
C PRO A 143 -15.62 3.64 -6.24
N ASN A 144 -15.10 4.76 -6.78
CA ASN A 144 -15.81 5.68 -7.65
C ASN A 144 -15.20 5.71 -9.04
N GLY A 145 -14.40 4.73 -9.39
CA GLY A 145 -13.81 4.72 -10.70
C GLY A 145 -12.75 5.77 -10.94
N ASP A 146 -11.85 5.99 -10.00
CA ASP A 146 -10.87 7.05 -10.13
C ASP A 146 -9.63 6.63 -10.88
N GLY A 147 -9.56 5.40 -11.40
CA GLY A 147 -8.46 5.02 -12.25
C GLY A 147 -7.49 4.06 -11.58
N ARG A 148 -7.56 3.90 -10.28
CA ARG A 148 -6.69 2.97 -9.59
C ARG A 148 -7.20 1.54 -9.71
N CYS A 149 -6.33 0.68 -10.24
CA CYS A 149 -6.73 -0.70 -10.47
C CYS A 149 -6.00 -1.69 -9.60
N VAL A 150 -4.76 -1.37 -9.22
CA VAL A 150 -4.00 -2.23 -8.32
C VAL A 150 -3.42 -1.45 -7.14
N THR A 151 -3.60 -2.01 -5.95
CA THR A 151 -2.95 -1.56 -4.72
C THR A 151 -1.70 -2.41 -4.45
N CYS A 152 -0.58 -1.75 -4.22
CA CYS A 152 0.67 -2.46 -3.92
C CYS A 152 1.18 -2.00 -2.54
N ILE A 153 1.36 -2.92 -1.59
CA ILE A 153 1.81 -2.49 -0.27
C ILE A 153 3.06 -3.25 0.11
N TYR A 154 4.06 -2.54 0.66
CA TYR A 154 5.28 -3.18 1.14
C TYR A 154 5.32 -3.02 2.64
N TYR A 155 5.52 -4.12 3.37
CA TYR A 155 5.56 -4.18 4.86
C TYR A 155 7.01 -4.29 5.34
N LEU A 156 7.36 -3.52 6.37
CA LEU A 156 8.72 -3.36 6.96
C LEU A 156 8.82 -3.74 8.44
N ASN A 157 7.93 -4.52 9.00
CA ASN A 157 7.94 -4.68 10.45
C ASN A 157 8.62 -5.96 10.85
N LYS A 158 9.85 -5.82 11.33
CA LYS A 158 10.68 -6.97 11.67
C LYS A 158 10.05 -7.78 12.77
N ASP A 159 10.05 -9.09 12.61
CA ASP A 159 9.53 -10.02 13.62
C ASP A 159 8.17 -9.59 14.18
N TRP A 160 7.26 -9.19 13.27
CA TRP A 160 5.89 -8.87 13.67
C TRP A 160 5.19 -10.14 14.12
N ASP A 161 4.59 -10.09 15.32
CA ASP A 161 3.70 -11.14 15.80
C ASP A 161 2.29 -10.58 15.98
N ALA A 162 1.40 -10.90 15.04
CA ALA A 162 0.07 -10.32 15.06
C ALA A 162 -0.71 -10.85 16.25
N LYS A 163 -0.39 -12.06 16.70
CA LYS A 163 -1.02 -12.60 17.89
C LYS A 163 -0.81 -11.67 19.07
N VAL A 164 0.30 -10.95 19.11
CA VAL A 164 0.60 -10.02 20.19
C VAL A 164 0.35 -8.57 19.81
N SER A 165 0.73 -8.17 18.60
CA SER A 165 0.73 -6.76 18.20
C SER A 165 -0.43 -6.38 17.31
N GLY A 166 -1.24 -7.35 16.88
CA GLY A 166 -2.40 -7.04 16.07
C GLY A 166 -1.97 -6.58 14.68
N GLY A 167 -2.78 -5.70 14.11
CA GLY A 167 -2.44 -4.99 12.88
C GLY A 167 -2.62 -5.77 11.58
N ILE A 168 -3.38 -6.85 11.65
CA ILE A 168 -3.68 -7.62 10.46
C ILE A 168 -4.48 -6.77 9.51
N LEU A 169 -4.14 -6.83 8.24
CA LEU A 169 -5.00 -6.31 7.20
C LEU A 169 -5.99 -7.40 6.87
N ARG A 170 -7.27 -7.17 7.11
CA ARG A 170 -8.29 -8.15 6.79
C ARG A 170 -9.00 -7.66 5.56
N ILE A 171 -9.01 -8.50 4.51
CA ILE A 171 -9.67 -8.24 3.24
C ILE A 171 -10.92 -9.11 3.19
N PHE A 172 -11.99 -8.55 2.63
CA PHE A 172 -13.28 -9.23 2.53
C PHE A 172 -13.56 -9.37 1.04
N PRO A 173 -12.91 -10.33 0.36
CA PRO A 173 -13.07 -10.44 -1.11
C PRO A 173 -14.54 -10.55 -1.51
N GLU A 174 -14.87 -9.86 -2.60
CA GLU A 174 -16.27 -9.75 -2.98
C GLU A 174 -16.90 -11.13 -3.10
N GLY A 175 -18.14 -11.25 -2.62
CA GLY A 175 -18.87 -12.49 -2.78
C GLY A 175 -18.14 -13.70 -2.25
N LYS A 176 -17.60 -13.58 -1.05
CA LYS A 176 -17.00 -14.70 -0.34
C LYS A 176 -17.35 -14.54 1.14
N ALA A 177 -17.71 -15.66 1.76
CA ALA A 177 -18.04 -15.60 3.18
C ALA A 177 -16.78 -15.28 4.00
N GLN A 178 -15.63 -15.82 3.60
CA GLN A 178 -14.42 -15.85 4.42
C GLN A 178 -13.60 -14.57 4.27
N PHE A 179 -12.80 -14.29 5.30
CA PHE A 179 -11.82 -13.21 5.27
C PHE A 179 -10.54 -13.70 4.65
N ALA A 180 -9.68 -12.78 4.22
CA ALA A 180 -8.27 -13.02 4.03
C ALA A 180 -7.47 -12.12 4.96
N ASP A 181 -6.83 -12.70 5.96
CA ASP A 181 -5.99 -11.99 6.93
C ASP A 181 -4.52 -11.97 6.49
N ILE A 182 -4.00 -10.78 6.25
CA ILE A 182 -2.61 -10.60 5.86
C ILE A 182 -1.85 -9.90 6.98
N GLU A 183 -0.85 -10.59 7.55
N GLU A 183 -0.84 -10.59 7.55
CA GLU A 183 -0.03 -10.01 8.59
CA GLU A 183 -0.03 -10.01 8.59
C GLU A 183 0.96 -9.05 7.95
C GLU A 183 0.99 -9.07 7.97
N PRO A 184 1.29 -7.92 8.63
CA PRO A 184 2.16 -6.89 8.02
C PRO A 184 3.63 -7.24 8.20
N LYS A 185 4.02 -8.41 7.69
CA LYS A 185 5.32 -9.02 7.97
C LYS A 185 6.43 -8.31 7.21
N PHE A 186 7.60 -8.30 7.83
CA PHE A 186 8.78 -7.64 7.25
C PHE A 186 9.10 -8.15 5.84
N ASP A 187 9.39 -7.20 4.94
CA ASP A 187 9.85 -7.50 3.59
C ASP A 187 8.77 -8.25 2.84
N ARG A 188 7.51 -8.06 3.19
CA ARG A 188 6.36 -8.69 2.49
C ARG A 188 5.77 -7.68 1.50
N LEU A 189 5.44 -8.13 0.31
CA LEU A 189 4.83 -7.30 -0.73
C LEU A 189 3.45 -7.86 -1.01
N LEU A 190 2.44 -6.99 -1.05
CA LEU A 190 1.04 -7.34 -1.25
C LEU A 190 0.43 -6.59 -2.43
N PHE A 191 -0.28 -7.32 -3.27
CA PHE A 191 -1.04 -6.74 -4.36
C PHE A 191 -2.47 -7.11 -4.11
N PHE A 192 -3.39 -6.15 -4.36
CA PHE A 192 -4.81 -6.47 -4.56
C PHE A 192 -5.56 -5.48 -5.49
N TRP A 193 -6.60 -5.99 -6.14
CA TRP A 193 -7.44 -5.10 -6.92
C TRP A 193 -7.94 -3.98 -6.02
N SER A 194 -7.87 -2.74 -6.51
CA SER A 194 -8.18 -1.56 -5.67
C SER A 194 -9.69 -1.27 -5.55
N ASP A 195 -10.46 -1.84 -6.46
CA ASP A 195 -11.90 -1.57 -6.60
C ASP A 195 -12.67 -2.36 -5.56
N ARG A 196 -13.98 -2.35 -5.68
CA ARG A 196 -14.88 -2.96 -4.71
C ARG A 196 -14.67 -4.46 -4.55
N ARG A 197 -13.89 -5.09 -5.39
CA ARG A 197 -13.67 -6.50 -5.15
C ARG A 197 -12.92 -6.79 -3.85
N ASN A 198 -12.29 -5.77 -3.26
CA ASN A 198 -11.45 -5.96 -2.07
C ASN A 198 -11.67 -4.88 -1.01
N PRO A 199 -12.85 -4.89 -0.37
CA PRO A 199 -13.00 -4.08 0.85
C PRO A 199 -11.99 -4.60 1.86
N HIS A 200 -11.44 -3.72 2.70
CA HIS A 200 -10.49 -4.20 3.70
C HIS A 200 -10.45 -3.25 4.88
N GLU A 201 -9.84 -3.73 5.96
CA GLU A 201 -9.66 -2.93 7.16
C GLU A 201 -8.34 -3.33 7.80
N VAL A 202 -7.83 -2.44 8.62
CA VAL A 202 -6.67 -2.73 9.43
C VAL A 202 -7.14 -2.90 10.85
N GLN A 203 -6.91 -4.10 11.41
CA GLN A 203 -7.27 -4.35 12.78
C GLN A 203 -6.35 -3.56 13.71
N PRO A 204 -6.84 -3.23 14.92
CA PRO A 204 -6.04 -2.42 15.86
C PRO A 204 -4.61 -2.91 16.02
N ALA A 205 -3.68 -1.98 15.86
CA ALA A 205 -2.26 -2.23 15.94
C ALA A 205 -1.79 -1.75 17.29
N TYR A 206 -1.10 -2.62 18.02
CA TYR A 206 -0.65 -2.36 19.38
C TYR A 206 0.85 -2.19 19.43
N ALA A 207 1.45 -2.13 18.27
CA ALA A 207 2.87 -1.85 18.13
C ALA A 207 2.96 -1.00 16.88
N THR A 208 4.09 -0.32 16.76
CA THR A 208 4.32 0.53 15.61
C THR A 208 4.32 -0.27 14.30
N ARG A 209 3.43 0.08 13.40
CA ARG A 209 3.28 -0.66 12.13
C ARG A 209 3.55 0.27 10.95
N TYR A 210 4.55 -0.05 10.14
CA TYR A 210 4.83 0.73 8.95
C TYR A 210 4.45 -0.06 7.69
N ALA A 211 3.98 0.65 6.68
CA ALA A 211 3.72 0.07 5.38
C ALA A 211 3.90 1.14 4.31
N ILE A 212 4.19 0.72 3.09
CA ILE A 212 4.42 1.67 2.01
C ILE A 212 3.53 1.27 0.88
N THR A 213 2.61 2.16 0.49
CA THR A 213 1.62 1.84 -0.53
C THR A 213 1.80 2.69 -1.78
N VAL A 214 1.73 2.06 -2.95
N VAL A 214 1.65 2.04 -2.93
CA VAL A 214 1.54 2.81 -4.19
CA VAL A 214 1.59 2.67 -4.25
C VAL A 214 0.34 2.21 -4.90
C VAL A 214 0.36 2.16 -4.97
N TRP A 215 -0.37 3.04 -5.65
CA TRP A 215 -1.48 2.59 -6.48
C TRP A 215 -1.14 2.76 -7.94
N TYR A 216 -1.46 1.75 -8.74
CA TYR A 216 -1.24 1.74 -10.16
C TYR A 216 -2.52 2.09 -10.87
N PHE A 217 -2.39 2.91 -11.93
CA PHE A 217 -3.49 3.39 -12.72
C PHE A 217 -3.61 2.53 -13.98
N ASP A 218 -4.85 2.17 -14.31
CA ASP A 218 -5.26 1.73 -15.63
C ASP A 218 -5.51 2.92 -16.58
N ALA A 219 -4.95 2.80 -17.78
CA ALA A 219 -4.93 3.94 -18.69
C ALA A 219 -6.33 4.39 -19.05
N ASP A 220 -7.18 3.43 -19.42
CA ASP A 220 -8.52 3.80 -19.83
C ASP A 220 -9.33 4.39 -18.67
N GLU A 221 -9.34 3.69 -17.52
CA GLU A 221 -10.15 4.16 -16.40
C GLU A 221 -9.73 5.56 -16.00
N ARG A 222 -8.43 5.80 -16.00
CA ARG A 222 -7.94 7.06 -15.50
C ARG A 222 -8.20 8.14 -16.53
N ALA A 223 -8.22 7.77 -17.79
CA ALA A 223 -8.52 8.72 -18.90
C ALA A 223 -9.97 9.18 -18.77
N ARG A 224 -10.92 8.30 -18.46
CA ARG A 224 -12.33 8.73 -18.41
C ARG A 224 -12.68 9.25 -17.02
N ALA A 225 -11.86 8.94 -16.02
CA ALA A 225 -12.05 9.62 -14.76
C ALA A 225 -11.75 11.08 -14.97
N LYS A 226 -10.64 11.37 -15.68
CA LYS A 226 -10.28 12.75 -16.02
C LYS A 226 -11.42 13.45 -16.75
N VAL A 227 -12.17 12.73 -17.58
CA VAL A 227 -13.34 13.31 -18.31
C VAL A 227 -14.47 13.62 -17.34
N LYS A 228 -14.84 12.69 -16.46
CA LYS A 228 -15.99 12.91 -15.58
C LYS A 228 -15.66 13.89 -14.47
N TYR A 229 -14.41 13.88 -13.97
CA TYR A 229 -14.01 14.70 -12.83
C TYR A 229 -13.18 15.93 -13.19
N LEU A 230 -12.74 16.06 -14.43
CA LEU A 230 -11.92 17.20 -14.86
C LEU A 230 -10.73 17.35 -13.91
N VAL A 236 -7.10 21.70 -15.65
CA VAL A 236 -7.56 21.00 -16.87
C VAL A 236 -8.33 21.99 -17.75
N ARG A 237 -8.20 23.27 -17.44
CA ARG A 237 -8.88 24.35 -18.16
C ARG A 237 -7.84 25.15 -18.92
N VAL A 238 -8.10 25.38 -20.20
CA VAL A 238 -7.24 26.16 -21.08
C VAL A 238 -8.00 27.43 -21.46
N GLU A 239 -7.26 28.53 -21.67
CA GLU A 239 -7.83 29.83 -22.00
C GLU A 239 -8.47 29.79 -23.39
N LEU A 240 -9.49 30.60 -23.58
CA LEU A 240 -10.24 30.57 -24.83
C LEU A 240 -9.49 31.30 -25.98
FE FE B . -6.99 0.88 1.81
CAA PW5 C . -5.55 6.82 4.27
CAB PW5 C . -7.84 4.10 0.68
CAG PW5 C . -5.15 4.39 3.99
CAH PW5 C . -3.25 -0.97 4.14
CAI PW5 C . -4.11 0.03 4.91
CAL PW5 C . -2.24 -1.50 5.17
CAM PW5 C . -5.02 0.93 4.08
CAN PW5 C . -5.79 5.49 3.57
CAO PW5 C . -6.87 4.16 1.86
CAP PW5 C . -5.40 3.18 3.36
CAQ PW5 C . -6.66 5.40 2.51
NAJ PW5 C . -6.23 3.04 2.30
NAK PW5 C . -4.63 2.13 3.95
OAC PW5 C . -2.23 -2.71 5.39
OAD PW5 C . -6.10 0.44 3.58
OAE PW5 C . -1.53 -0.69 5.77
BR1 PW5 C . -7.56 7.05 1.93
HAA3 PW5 C . -6.40 7.22 4.52
HAA1 PW5 C . -5.08 7.43 3.68
HAA2 PW5 C . -5.02 6.68 5.07
HAB1 PW5 C . -8.21 3.22 0.60
HAB2 PW5 C . -7.36 4.31 -0.14
HAB3 PW5 C . -8.54 4.75 0.80
HAG1 PW5 C . -4.55 4.43 4.70
HAH1 PW5 C . -2.80 -0.54 3.40
HAH2 PW5 C . -3.80 -1.69 3.80
HAI1 PW5 C . -4.66 -0.46 5.52
HAI2 PW5 C . -3.51 0.61 5.41
HAA PW5 C . -3.84 2.34 4.25
C1 GOL D . 18.76 -11.94 3.29
O1 GOL D . 18.81 -13.35 3.23
C2 GOL D . 19.55 -11.44 2.10
O2 GOL D . 18.86 -11.63 0.90
C3 GOL D . 19.83 -9.95 2.44
O3 GOL D . 19.88 -9.28 1.18
H11 GOL D . 19.13 -11.59 4.11
H12 GOL D . 17.85 -11.60 3.25
HO1 GOL D . 18.28 -13.63 3.84
H2 GOL D . 20.39 -11.92 1.99
HO2 GOL D . 18.88 -10.89 0.48
H31 GOL D . 20.65 -9.87 2.95
H32 GOL D . 19.13 -9.61 3.03
HO3 GOL D . 19.51 -8.52 1.29
#